data_5F06
#
_entry.id   5F06
#
_cell.length_a   54.104
_cell.length_b   90.365
_cell.length_c   97.149
_cell.angle_alpha   90.00
_cell.angle_beta   90.00
_cell.angle_gamma   90.00
#
_symmetry.space_group_name_H-M   'P 21 21 21'
#
loop_
_entity.id
_entity.type
_entity.pdbx_description
1 polymer 'Glutathione S-transferase family protein'
2 non-polymer GLUTATHIONE
3 non-polymer 'SULFATE ION'
4 water water
#
_entity_poly.entity_id   1
_entity_poly.type   'polypeptide(L)'
_entity_poly.pdbx_seq_one_letter_code
;VLKLYGAPMSTCTSRVLTCLHEKNLDFELVPVDLFAGEHKQPPFLAKNPFGQIPALEEDDLTLFESRAITSYIAEKFKGT
GYDLIRHENLKEAASVKVWTEVESHRYNPAIAPIVFQFMVAPLRGNSPDQTIIDDNVEKLGKVLDIYEAKLSSTKYLAGD
FYSLADLHHLPYTYYLMKTPAASVVNERPHVKAWWEDISSRPAFKKVAEGMNFVKK
;
_entity_poly.pdbx_strand_id   A,B
#
loop_
_chem_comp.id
_chem_comp.type
_chem_comp.name
_chem_comp.formula
GSH non-polymer GLUTATHIONE 'C10 H17 N3 O6 S'
SO4 non-polymer 'SULFATE ION' 'O4 S -2'
#
# COMPACT_ATOMS: atom_id res chain seq x y z
N VAL A 1 15.89 -17.28 14.21
CA VAL A 1 14.49 -17.32 14.62
C VAL A 1 13.75 -16.09 14.11
N LEU A 2 12.53 -16.31 13.64
CA LEU A 2 11.65 -15.21 13.27
C LEU A 2 11.06 -14.61 14.54
N LYS A 3 11.55 -13.44 14.91
CA LYS A 3 11.10 -12.76 16.12
C LYS A 3 10.20 -11.58 15.77
N LEU A 4 8.92 -11.72 16.13
CA LEU A 4 7.90 -10.73 15.83
C LEU A 4 7.61 -9.90 17.07
N TYR A 5 7.82 -8.59 16.97
CA TYR A 5 7.57 -7.67 18.07
C TYR A 5 6.22 -7.01 17.93
N GLY A 6 5.32 -7.28 18.86
CA GLY A 6 3.98 -6.71 18.79
C GLY A 6 3.09 -7.19 19.92
N ALA A 7 1.79 -7.31 19.62
CA ALA A 7 0.82 -7.74 20.61
C ALA A 7 -0.29 -8.55 19.94
N PRO A 8 -0.71 -9.67 20.56
CA PRO A 8 -1.73 -10.54 19.95
C PRO A 8 -3.04 -9.82 19.59
N MET A 9 -3.41 -8.79 20.35
CA MET A 9 -4.71 -8.16 20.20
C MET A 9 -4.75 -7.11 19.08
N SER A 10 -3.59 -6.69 18.58
CA SER A 10 -3.55 -5.64 17.58
C SER A 10 -3.74 -6.20 16.17
N THR A 11 -4.48 -5.44 15.36
CA THR A 11 -4.77 -5.81 13.98
C THR A 11 -3.52 -6.01 13.16
N CYS A 12 -2.55 -5.12 13.37
CA CYS A 12 -1.33 -5.10 12.59
C CYS A 12 -0.44 -6.30 12.90
N THR A 13 -0.37 -6.70 14.16
CA THR A 13 0.37 -7.90 14.53
C THR A 13 -0.35 -9.14 14.03
N SER A 14 -1.67 -9.16 14.19
N SER A 14 -1.67 -9.14 14.20
CA SER A 14 -2.48 -10.31 13.81
CA SER A 14 -2.52 -10.27 13.81
C SER A 14 -2.36 -10.61 12.31
C SER A 14 -2.36 -10.60 12.33
N ARG A 15 -2.17 -9.56 11.51
CA ARG A 15 -2.01 -9.74 10.07
C ARG A 15 -0.78 -10.61 9.78
N VAL A 16 0.30 -10.39 10.53
CA VAL A 16 1.50 -11.20 10.37
C VAL A 16 1.29 -12.60 10.97
N LEU A 17 0.71 -12.65 12.17
CA LEU A 17 0.53 -13.92 12.85
C LEU A 17 -0.20 -14.94 11.99
N THR A 18 -1.28 -14.50 11.33
N THR A 18 -1.28 -14.52 11.32
CA THR A 18 -2.06 -15.37 10.48
CA THR A 18 -2.04 -15.45 10.51
C THR A 18 -1.20 -15.90 9.34
C THR A 18 -1.21 -15.90 9.30
N CYS A 19 -0.39 -15.00 8.75
CA CYS A 19 0.50 -15.37 7.67
C CYS A 19 1.53 -16.41 8.13
N LEU A 20 2.13 -16.19 9.30
CA LEU A 20 3.07 -17.15 9.86
C LEU A 20 2.44 -18.55 10.01
N HIS A 21 1.18 -18.61 10.45
CA HIS A 21 0.51 -19.89 10.63
C HIS A 21 0.15 -20.55 9.30
N GLU A 22 -0.30 -19.75 8.33
CA GLU A 22 -0.57 -20.27 7.00
C GLU A 22 0.67 -20.97 6.44
N LYS A 23 1.85 -20.43 6.77
CA LYS A 23 3.11 -20.95 6.24
C LYS A 23 3.68 -22.05 7.13
N ASN A 24 2.97 -22.38 8.22
CA ASN A 24 3.42 -23.40 9.18
C ASN A 24 4.81 -23.09 9.75
N LEU A 25 5.06 -21.84 10.08
CA LEU A 25 6.39 -21.42 10.53
C LEU A 25 6.51 -21.35 12.05
N ASP A 26 7.70 -21.71 12.55
CA ASP A 26 8.07 -21.42 13.92
C ASP A 26 8.36 -19.94 14.03
N PHE A 27 8.11 -19.36 15.20
CA PHE A 27 8.41 -17.96 15.43
C PHE A 27 8.30 -17.65 16.91
N GLU A 28 8.80 -16.49 17.31
CA GLU A 28 8.63 -16.00 18.67
C GLU A 28 7.92 -14.67 18.64
N LEU A 29 6.79 -14.59 19.35
CA LEU A 29 6.11 -13.34 19.58
C LEU A 29 6.68 -12.68 20.83
N VAL A 30 7.32 -11.53 20.63
CA VAL A 30 7.89 -10.75 21.74
C VAL A 30 6.96 -9.59 22.04
N PRO A 31 6.40 -9.55 23.26
CA PRO A 31 5.45 -8.48 23.57
C PRO A 31 6.05 -7.09 23.49
N VAL A 32 5.28 -6.14 22.96
CA VAL A 32 5.61 -4.73 23.04
C VAL A 32 4.53 -4.03 23.85
N ASP A 33 4.95 -3.35 24.91
CA ASP A 33 4.04 -2.75 25.88
C ASP A 33 3.55 -1.38 25.40
N LEU A 34 2.47 -1.39 24.63
CA LEU A 34 1.88 -0.14 24.11
C LEU A 34 1.35 0.73 25.26
N PHE A 35 0.71 0.09 26.23
CA PHE A 35 0.18 0.77 27.42
C PHE A 35 1.24 1.62 28.11
N ALA A 36 2.47 1.11 28.18
CA ALA A 36 3.57 1.81 28.84
C ALA A 36 4.34 2.70 27.86
N GLY A 37 3.96 2.65 26.58
CA GLY A 37 4.60 3.47 25.57
C GLY A 37 5.95 2.95 25.09
N GLU A 38 6.15 1.63 25.13
CA GLU A 38 7.41 1.03 24.73
C GLU A 38 7.73 1.32 23.26
N HIS A 39 6.69 1.35 22.44
CA HIS A 39 6.86 1.54 21.00
C HIS A 39 7.35 2.95 20.64
N LYS A 40 7.34 3.86 21.62
CA LYS A 40 7.79 5.23 21.38
C LYS A 40 9.17 5.50 21.99
N GLN A 41 9.79 4.49 22.58
CA GLN A 41 11.09 4.64 23.23
C GLN A 41 12.22 4.25 22.25
N PRO A 42 13.45 4.71 22.53
CA PRO A 42 14.56 4.53 21.57
C PRO A 42 14.79 3.10 21.07
N PRO A 43 14.71 2.08 21.95
CA PRO A 43 14.97 0.73 21.43
C PRO A 43 14.00 0.31 20.33
N PHE A 44 12.71 0.52 20.52
CA PHE A 44 11.77 0.10 19.49
C PHE A 44 11.83 1.02 18.27
N LEU A 45 12.05 2.31 18.50
CA LEU A 45 12.14 3.25 17.39
C LEU A 45 13.30 2.87 16.46
N ALA A 46 14.31 2.19 16.99
CA ALA A 46 15.41 1.70 16.19
C ALA A 46 14.99 0.53 15.32
N LYS A 47 13.91 -0.14 15.69
CA LYS A 47 13.35 -1.20 14.87
C LYS A 47 12.42 -0.61 13.83
N ASN A 48 11.54 0.28 14.28
CA ASN A 48 10.63 1.01 13.40
C ASN A 48 10.63 2.49 13.78
N PRO A 49 11.24 3.34 12.93
CA PRO A 49 11.33 4.76 13.28
C PRO A 49 9.96 5.46 13.38
N PHE A 50 8.91 4.82 12.87
CA PHE A 50 7.57 5.40 12.96
C PHE A 50 6.89 5.08 14.29
N GLY A 51 7.52 4.21 15.07
CA GLY A 51 7.06 3.92 16.42
C GLY A 51 5.72 3.23 16.48
N GLN A 52 5.50 2.27 15.58
CA GLN A 52 4.30 1.44 15.61
C GLN A 52 4.66 -0.03 15.42
N ILE A 53 3.79 -0.89 15.94
CA ILE A 53 3.98 -2.32 15.82
C ILE A 53 3.24 -2.84 14.58
N PRO A 54 3.72 -3.94 13.99
CA PRO A 54 4.81 -4.79 14.46
C PRO A 54 6.16 -4.48 13.82
N ALA A 55 7.19 -5.11 14.36
CA ALA A 55 8.49 -5.20 13.72
C ALA A 55 8.93 -6.65 13.71
N LEU A 56 9.85 -6.98 12.80
CA LEU A 56 10.40 -8.32 12.71
C LEU A 56 11.93 -8.26 12.76
N GLU A 57 12.52 -9.05 13.65
CA GLU A 57 13.95 -9.30 13.63
C GLU A 57 14.20 -10.74 13.20
N GLU A 58 14.94 -10.90 12.11
CA GLU A 58 15.38 -12.21 11.66
C GLU A 58 16.89 -12.16 11.49
N ASP A 59 17.60 -12.64 12.50
CA ASP A 59 19.05 -12.49 12.57
C ASP A 59 19.43 -11.02 12.43
N ASP A 60 20.22 -10.68 11.41
CA ASP A 60 20.67 -9.30 11.23
C ASP A 60 19.70 -8.46 10.40
N LEU A 61 18.61 -9.05 9.96
CA LEU A 61 17.57 -8.33 9.23
C LEU A 61 16.50 -7.80 10.17
N THR A 62 16.09 -6.55 9.95
CA THR A 62 14.99 -5.93 10.68
C THR A 62 13.98 -5.31 9.73
N LEU A 63 12.71 -5.66 9.91
CA LEU A 63 11.63 -5.17 9.06
C LEU A 63 10.51 -4.52 9.86
N PHE A 64 9.75 -3.64 9.21
CA PHE A 64 8.51 -3.15 9.76
C PHE A 64 7.53 -2.96 8.59
N GLU A 65 6.31 -2.52 8.93
CA GLU A 65 5.13 -2.56 8.05
C GLU A 65 4.64 -3.99 7.91
N SER A 66 3.43 -4.22 8.41
CA SER A 66 2.89 -5.57 8.52
C SER A 66 2.88 -6.29 7.18
N ARG A 67 2.55 -5.57 6.11
CA ARG A 67 2.40 -6.19 4.80
C ARG A 67 3.75 -6.38 4.10
N ALA A 68 4.77 -5.64 4.53
CA ALA A 68 6.13 -5.92 4.07
C ALA A 68 6.62 -7.22 4.70
N ILE A 69 6.25 -7.42 5.96
CA ILE A 69 6.65 -8.59 6.69
C ILE A 69 5.97 -9.84 6.13
N THR A 70 4.68 -9.75 5.85
CA THR A 70 3.96 -10.87 5.28
C THR A 70 4.49 -11.22 3.89
N SER A 71 4.74 -10.19 3.08
CA SER A 71 5.25 -10.37 1.73
C SER A 71 6.62 -11.05 1.77
N TYR A 72 7.47 -10.60 2.68
CA TYR A 72 8.77 -11.21 2.88
C TYR A 72 8.65 -12.69 3.23
N ILE A 73 7.85 -12.99 4.25
N ILE A 73 7.85 -12.98 4.24
CA ILE A 73 7.63 -14.35 4.71
CA ILE A 73 7.63 -14.35 4.71
C ILE A 73 7.05 -15.22 3.59
C ILE A 73 7.05 -15.21 3.58
N ALA A 74 6.04 -14.69 2.89
CA ALA A 74 5.39 -15.43 1.82
C ALA A 74 6.35 -15.75 0.68
N GLU A 75 7.24 -14.82 0.37
CA GLU A 75 8.20 -15.01 -0.72
C GLU A 75 9.34 -15.95 -0.29
N LYS A 76 9.84 -15.77 0.92
CA LYS A 76 11.02 -16.50 1.37
C LYS A 76 10.73 -17.99 1.57
N PHE A 77 9.55 -18.30 2.08
CA PHE A 77 9.20 -19.69 2.37
C PHE A 77 8.24 -20.26 1.32
N LYS A 78 8.55 -19.95 0.06
CA LYS A 78 7.85 -20.53 -1.09
C LYS A 78 7.96 -22.06 -1.10
N GLY A 79 6.83 -22.74 -1.26
CA GLY A 79 6.80 -24.18 -1.32
C GLY A 79 6.57 -24.86 0.03
N THR A 80 6.51 -24.04 1.07
CA THR A 80 6.24 -24.53 2.43
C THR A 80 4.92 -23.94 2.93
N GLY A 81 4.07 -24.79 3.47
CA GLY A 81 2.77 -24.36 3.94
C GLY A 81 1.91 -23.91 2.77
N TYR A 82 1.01 -22.97 3.02
CA TYR A 82 0.07 -22.56 1.98
C TYR A 82 0.72 -21.64 0.95
N ASP A 83 0.27 -21.79 -0.31
CA ASP A 83 0.76 -21.02 -1.44
C ASP A 83 0.09 -19.64 -1.52
N LEU A 84 0.60 -18.70 -0.71
CA LEU A 84 -0.07 -17.41 -0.54
C LEU A 84 0.10 -16.42 -1.70
N ILE A 85 1.25 -16.48 -2.38
CA ILE A 85 1.52 -15.52 -3.47
C ILE A 85 1.68 -16.20 -4.84
N ARG A 86 1.39 -17.50 -4.88
CA ARG A 86 1.23 -18.24 -6.14
C ARG A 86 2.54 -18.35 -6.93
N HIS A 87 3.52 -19.02 -6.34
CA HIS A 87 4.88 -19.06 -6.86
C HIS A 87 5.08 -19.95 -8.11
N GLU A 88 4.04 -20.62 -8.57
CA GLU A 88 4.17 -21.47 -9.75
C GLU A 88 3.10 -21.17 -10.81
N ASN A 89 2.49 -20.00 -10.68
CA ASN A 89 1.56 -19.52 -11.70
C ASN A 89 1.68 -18.00 -11.83
N LEU A 90 2.26 -17.56 -12.94
CA LEU A 90 2.55 -16.14 -13.13
C LEU A 90 1.27 -15.30 -13.18
N LYS A 91 0.26 -15.82 -13.87
CA LYS A 91 -1.00 -15.11 -14.01
C LYS A 91 -1.66 -14.90 -12.64
N GLU A 92 -1.64 -15.94 -11.81
CA GLU A 92 -2.23 -15.88 -10.49
C GLU A 92 -1.47 -14.92 -9.59
N ALA A 93 -0.14 -15.00 -9.64
CA ALA A 93 0.71 -14.16 -8.80
C ALA A 93 0.48 -12.69 -9.11
N ALA A 94 0.21 -12.37 -10.37
CA ALA A 94 -0.02 -11.00 -10.78
C ALA A 94 -1.34 -10.48 -10.20
N SER A 95 -2.37 -11.31 -10.26
CA SER A 95 -3.68 -10.95 -9.72
C SER A 95 -3.61 -10.70 -8.22
N VAL A 96 -2.80 -11.50 -7.52
CA VAL A 96 -2.62 -11.30 -6.09
C VAL A 96 -2.04 -9.90 -5.85
N LYS A 97 -1.06 -9.50 -6.66
CA LYS A 97 -0.46 -8.18 -6.53
C LYS A 97 -1.50 -7.07 -6.70
N VAL A 98 -2.42 -7.28 -7.64
CA VAL A 98 -3.47 -6.30 -7.88
C VAL A 98 -4.32 -6.11 -6.62
N TRP A 99 -4.79 -7.23 -6.06
CA TRP A 99 -5.76 -7.14 -4.99
C TRP A 99 -5.15 -6.90 -3.62
N THR A 100 -3.84 -7.15 -3.46
CA THR A 100 -3.16 -6.68 -2.24
C THR A 100 -3.04 -5.16 -2.30
N GLU A 101 -2.86 -4.61 -3.50
CA GLU A 101 -2.78 -3.17 -3.64
C GLU A 101 -4.15 -2.54 -3.43
N VAL A 102 -5.20 -3.25 -3.84
CA VAL A 102 -6.56 -2.79 -3.60
C VAL A 102 -6.82 -2.70 -2.10
N GLU A 103 -6.36 -3.69 -1.36
CA GLU A 103 -6.52 -3.69 0.10
C GLU A 103 -5.79 -2.51 0.72
N SER A 104 -4.57 -2.23 0.24
CA SER A 104 -3.77 -1.14 0.80
C SER A 104 -4.35 0.25 0.52
N HIS A 105 -4.84 0.47 -0.70
CA HIS A 105 -5.17 1.83 -1.15
C HIS A 105 -6.66 2.11 -1.24
N ARG A 106 -7.48 1.06 -1.11
CA ARG A 106 -8.94 1.23 -1.21
C ARG A 106 -9.68 0.66 0.01
N TYR A 107 -9.39 -0.58 0.39
CA TYR A 107 -10.09 -1.19 1.53
C TYR A 107 -9.62 -0.61 2.88
N ASN A 108 -8.31 -0.63 3.11
CA ASN A 108 -7.80 -0.25 4.42
C ASN A 108 -8.07 1.21 4.81
N PRO A 109 -7.91 2.16 3.86
CA PRO A 109 -8.16 3.56 4.23
C PRO A 109 -9.61 3.83 4.62
N ALA A 110 -10.53 2.95 4.22
CA ALA A 110 -11.95 3.09 4.53
C ALA A 110 -12.32 2.35 5.82
N ILE A 111 -11.74 1.18 6.05
CA ILE A 111 -12.11 0.38 7.24
C ILE A 111 -11.31 0.81 8.48
N ALA A 112 -10.09 1.27 8.31
CA ALA A 112 -9.25 1.62 9.45
C ALA A 112 -9.91 2.69 10.34
N PRO A 113 -10.44 3.78 9.75
CA PRO A 113 -11.05 4.81 10.61
C PRO A 113 -12.26 4.32 11.38
N ILE A 114 -13.02 3.38 10.81
CA ILE A 114 -14.17 2.83 11.49
C ILE A 114 -13.73 2.15 12.78
N VAL A 115 -12.73 1.27 12.65
CA VAL A 115 -12.26 0.50 13.78
C VAL A 115 -11.57 1.40 14.79
N PHE A 116 -10.86 2.41 14.30
CA PHE A 116 -10.18 3.36 15.16
C PHE A 116 -11.18 4.05 16.08
N GLN A 117 -12.26 4.54 15.48
CA GLN A 117 -13.28 5.27 16.25
C GLN A 117 -13.94 4.38 17.30
N PHE A 118 -14.27 3.15 16.94
CA PHE A 118 -14.90 2.23 17.87
C PHE A 118 -13.96 1.70 18.96
N MET A 119 -12.74 1.35 18.58
N MET A 119 -12.72 1.37 18.59
CA MET A 119 -11.83 0.60 19.44
CA MET A 119 -11.86 0.62 19.49
C MET A 119 -10.71 1.43 20.05
C MET A 119 -10.64 1.38 20.02
N VAL A 120 -10.20 2.41 19.31
CA VAL A 120 -9.04 3.17 19.75
C VAL A 120 -9.40 4.52 20.38
N ALA A 121 -10.39 5.22 19.82
CA ALA A 121 -10.73 6.55 20.31
C ALA A 121 -11.08 6.55 21.80
N PRO A 122 -11.86 5.55 22.26
CA PRO A 122 -12.13 5.44 23.70
C PRO A 122 -10.86 5.31 24.54
N LEU A 123 -9.85 4.62 24.01
CA LEU A 123 -8.57 4.48 24.70
C LEU A 123 -7.86 5.83 24.80
N ARG A 124 -8.18 6.73 23.90
CA ARG A 124 -7.57 8.06 23.89
C ARG A 124 -8.43 9.08 24.65
N GLY A 125 -9.55 8.62 25.19
CA GLY A 125 -10.40 9.45 26.04
C GLY A 125 -11.57 10.10 25.33
N ASN A 126 -11.83 9.68 24.09
CA ASN A 126 -12.88 10.26 23.27
C ASN A 126 -13.99 9.28 22.97
N SER A 127 -15.22 9.78 22.88
CA SER A 127 -16.32 8.96 22.38
C SER A 127 -16.12 8.73 20.89
N PRO A 128 -16.61 7.58 20.38
CA PRO A 128 -16.55 7.37 18.93
C PRO A 128 -17.22 8.50 18.16
N ASP A 129 -16.58 8.94 17.08
CA ASP A 129 -17.12 10.01 16.24
C ASP A 129 -18.03 9.41 15.19
N GLN A 130 -19.34 9.60 15.35
CA GLN A 130 -20.31 8.98 14.48
C GLN A 130 -20.21 9.50 13.05
N THR A 131 -19.80 10.76 12.91
CA THR A 131 -19.61 11.36 11.59
C THR A 131 -18.50 10.64 10.82
N ILE A 132 -17.37 10.39 11.49
CA ILE A 132 -16.25 9.71 10.86
C ILE A 132 -16.65 8.26 10.56
N ILE A 133 -17.38 7.63 11.48
CA ILE A 133 -17.88 6.28 11.27
C ILE A 133 -18.78 6.22 10.04
N ASP A 134 -19.80 7.07 10.00
CA ASP A 134 -20.80 7.03 8.93
C ASP A 134 -20.19 7.29 7.56
N ASP A 135 -19.32 8.28 7.49
CA ASP A 135 -18.64 8.63 6.24
C ASP A 135 -17.86 7.44 5.68
N ASN A 136 -17.13 6.76 6.55
CA ASN A 136 -16.26 5.67 6.10
C ASN A 136 -17.05 4.37 5.88
N VAL A 137 -18.18 4.22 6.57
CA VAL A 137 -19.07 3.10 6.31
C VAL A 137 -19.61 3.24 4.89
N GLU A 138 -19.90 4.47 4.48
CA GLU A 138 -20.35 4.75 3.13
C GLU A 138 -19.24 4.43 2.12
N LYS A 139 -18.02 4.87 2.43
CA LYS A 139 -16.87 4.61 1.57
C LYS A 139 -16.58 3.11 1.47
N LEU A 140 -16.61 2.42 2.60
CA LEU A 140 -16.34 0.99 2.60
C LEU A 140 -17.40 0.24 1.83
N GLY A 141 -18.65 0.69 1.94
CA GLY A 141 -19.75 0.08 1.22
C GLY A 141 -19.51 0.09 -0.29
N LYS A 142 -18.96 1.19 -0.77
CA LYS A 142 -18.70 1.34 -2.21
C LYS A 142 -17.56 0.44 -2.66
N VAL A 143 -16.54 0.29 -1.82
CA VAL A 143 -15.50 -0.68 -2.09
C VAL A 143 -16.12 -2.08 -2.10
N LEU A 144 -16.97 -2.35 -1.12
CA LEU A 144 -17.56 -3.68 -0.98
C LEU A 144 -18.55 -3.99 -2.09
N ASP A 145 -19.08 -2.96 -2.75
CA ASP A 145 -19.95 -3.18 -3.90
C ASP A 145 -19.14 -3.81 -5.04
N ILE A 146 -17.89 -3.37 -5.19
CA ILE A 146 -17.00 -3.94 -6.19
C ILE A 146 -16.61 -5.36 -5.79
N TYR A 147 -16.34 -5.56 -4.50
CA TYR A 147 -16.00 -6.88 -3.97
C TYR A 147 -17.13 -7.88 -4.23
N GLU A 148 -18.36 -7.42 -4.02
CA GLU A 148 -19.53 -8.26 -4.20
C GLU A 148 -19.58 -8.83 -5.61
N ALA A 149 -19.28 -8.00 -6.59
CA ALA A 149 -19.30 -8.40 -7.99
C ALA A 149 -18.15 -9.35 -8.30
N LYS A 150 -16.96 -9.01 -7.81
CA LYS A 150 -15.79 -9.85 -8.02
C LYS A 150 -16.00 -11.24 -7.42
N LEU A 151 -16.49 -11.27 -6.18
CA LEU A 151 -16.68 -12.52 -5.47
C LEU A 151 -17.88 -13.32 -5.99
N SER A 152 -18.65 -12.72 -6.89
CA SER A 152 -19.70 -13.45 -7.60
C SER A 152 -19.07 -14.23 -8.76
N SER A 153 -17.90 -13.79 -9.20
CA SER A 153 -17.19 -14.41 -10.32
C SER A 153 -16.18 -15.46 -9.85
N THR A 154 -15.46 -15.14 -8.78
CA THR A 154 -14.42 -16.02 -8.25
C THR A 154 -14.60 -16.23 -6.76
N LYS A 155 -14.10 -17.34 -6.24
CA LYS A 155 -14.28 -17.69 -4.83
C LYS A 155 -13.65 -16.67 -3.90
N TYR A 156 -12.50 -16.15 -4.30
CA TYR A 156 -11.73 -15.21 -3.49
C TYR A 156 -11.40 -13.99 -4.35
N LEU A 157 -10.72 -13.00 -3.79
CA LEU A 157 -10.53 -11.73 -4.49
C LEU A 157 -9.65 -11.83 -5.73
N ALA A 158 -8.57 -12.60 -5.67
CA ALA A 158 -7.61 -12.65 -6.76
C ALA A 158 -7.91 -13.78 -7.75
N GLY A 159 -8.87 -14.63 -7.41
CA GLY A 159 -9.19 -15.81 -8.22
C GLY A 159 -9.87 -16.87 -7.38
N ASP A 160 -9.94 -18.09 -7.92
CA ASP A 160 -10.57 -19.21 -7.23
C ASP A 160 -9.58 -19.90 -6.29
N PHE A 161 -8.77 -19.09 -5.61
CA PHE A 161 -7.81 -19.59 -4.62
C PHE A 161 -7.64 -18.54 -3.53
N TYR A 162 -7.51 -18.99 -2.29
CA TYR A 162 -7.15 -18.11 -1.19
C TYR A 162 -5.74 -17.56 -1.44
N SER A 163 -5.53 -16.29 -1.13
CA SER A 163 -4.21 -15.68 -1.31
C SER A 163 -3.91 -14.61 -0.26
N LEU A 164 -2.71 -14.04 -0.37
CA LEU A 164 -2.28 -12.97 0.52
C LEU A 164 -3.23 -11.78 0.46
N ALA A 165 -3.86 -11.57 -0.69
CA ALA A 165 -4.83 -10.50 -0.87
C ALA A 165 -5.97 -10.61 0.13
N ASP A 166 -6.57 -11.79 0.21
CA ASP A 166 -7.67 -12.02 1.17
C ASP A 166 -7.16 -11.89 2.59
N LEU A 167 -6.03 -12.54 2.87
CA LEU A 167 -5.45 -12.58 4.21
C LEU A 167 -5.31 -11.19 4.83
N HIS A 168 -4.84 -10.23 4.04
CA HIS A 168 -4.60 -8.89 4.58
C HIS A 168 -5.86 -8.23 5.11
N HIS A 169 -7.02 -8.73 4.69
CA HIS A 169 -8.32 -8.16 5.10
C HIS A 169 -8.80 -8.65 6.47
N LEU A 170 -8.19 -9.72 6.97
CA LEU A 170 -8.75 -10.42 8.12
C LEU A 170 -8.82 -9.59 9.40
N PRO A 171 -7.72 -8.90 9.78
CA PRO A 171 -7.74 -8.32 11.13
C PRO A 171 -8.72 -7.15 11.30
N TYR A 172 -8.70 -6.15 10.43
CA TYR A 172 -9.61 -5.01 10.60
C TYR A 172 -11.06 -5.46 10.42
N THR A 173 -11.28 -6.40 9.51
CA THR A 173 -12.63 -6.87 9.27
C THR A 173 -13.12 -7.62 10.50
N TYR A 174 -12.24 -8.38 11.15
CA TYR A 174 -12.61 -9.13 12.33
C TYR A 174 -13.19 -8.20 13.39
N TYR A 175 -12.56 -7.04 13.57
CA TYR A 175 -13.02 -6.09 14.57
C TYR A 175 -14.27 -5.33 14.08
N LEU A 176 -14.34 -5.04 12.78
CA LEU A 176 -15.52 -4.40 12.21
C LEU A 176 -16.76 -5.24 12.50
N MET A 177 -16.63 -6.56 12.40
CA MET A 177 -17.77 -7.45 12.56
C MET A 177 -18.28 -7.48 14.00
N LYS A 178 -17.51 -6.90 14.92
CA LYS A 178 -17.95 -6.79 16.31
C LYS A 178 -18.80 -5.54 16.53
N THR A 179 -18.82 -4.65 15.54
CA THR A 179 -19.51 -3.37 15.65
C THR A 179 -20.79 -3.35 14.82
N PRO A 180 -21.61 -2.30 14.98
CA PRO A 180 -22.81 -2.19 14.14
C PRO A 180 -22.47 -2.08 12.64
N ALA A 181 -21.26 -1.64 12.34
CA ALA A 181 -20.82 -1.49 10.95
C ALA A 181 -20.65 -2.85 10.27
N ALA A 182 -20.78 -3.92 11.03
CA ALA A 182 -20.81 -5.27 10.46
C ALA A 182 -21.85 -5.40 9.35
N SER A 183 -22.85 -4.52 9.36
CA SER A 183 -23.95 -4.55 8.40
C SER A 183 -23.49 -4.44 6.95
N VAL A 184 -22.39 -3.72 6.69
CA VAL A 184 -21.93 -3.55 5.31
C VAL A 184 -21.46 -4.89 4.74
N VAL A 185 -20.95 -5.76 5.60
CA VAL A 185 -20.55 -7.10 5.18
C VAL A 185 -21.77 -8.02 5.11
N ASN A 186 -22.60 -7.99 6.15
CA ASN A 186 -23.72 -8.92 6.24
C ASN A 186 -24.80 -8.72 5.19
N GLU A 187 -24.89 -7.51 4.64
CA GLU A 187 -25.95 -7.19 3.67
C GLU A 187 -25.56 -7.45 2.23
N ARG A 188 -24.32 -7.89 2.03
CA ARG A 188 -23.82 -8.27 0.70
C ARG A 188 -23.49 -9.77 0.70
N PRO A 189 -24.36 -10.59 0.06
CA PRO A 189 -24.28 -12.04 0.28
C PRO A 189 -22.94 -12.68 -0.08
N HIS A 190 -22.34 -12.30 -1.20
CA HIS A 190 -21.07 -12.91 -1.60
C HIS A 190 -19.93 -12.46 -0.69
N VAL A 191 -19.93 -11.19 -0.30
CA VAL A 191 -18.95 -10.69 0.66
C VAL A 191 -19.10 -11.41 2.01
N LYS A 192 -20.35 -11.59 2.45
CA LYS A 192 -20.61 -12.24 3.74
C LYS A 192 -20.09 -13.68 3.74
N ALA A 193 -20.39 -14.42 2.68
CA ALA A 193 -19.96 -15.81 2.59
C ALA A 193 -18.43 -15.90 2.49
N TRP A 194 -17.84 -14.99 1.72
CA TRP A 194 -16.39 -14.89 1.62
C TRP A 194 -15.75 -14.66 2.98
N TRP A 195 -16.30 -13.71 3.74
CA TRP A 195 -15.79 -13.42 5.07
C TRP A 195 -15.88 -14.63 6.00
N GLU A 196 -17.04 -15.28 5.98
CA GLU A 196 -17.28 -16.45 6.83
C GLU A 196 -16.33 -17.57 6.47
N ASP A 197 -15.96 -17.63 5.19
CA ASP A 197 -14.99 -18.59 4.68
C ASP A 197 -13.58 -18.30 5.24
N ILE A 198 -13.01 -17.14 4.88
CA ILE A 198 -11.62 -16.88 5.22
C ILE A 198 -11.43 -16.73 6.73
N SER A 199 -12.44 -16.22 7.43
CA SER A 199 -12.34 -16.04 8.88
C SER A 199 -12.45 -17.35 9.67
N SER A 200 -12.82 -18.44 8.99
CA SER A 200 -12.93 -19.74 9.64
C SER A 200 -11.75 -20.66 9.30
N ARG A 201 -10.77 -20.16 8.55
CA ARG A 201 -9.57 -20.92 8.25
C ARG A 201 -8.82 -21.19 9.55
N PRO A 202 -8.25 -22.41 9.70
CA PRO A 202 -7.52 -22.75 10.93
C PRO A 202 -6.44 -21.74 11.29
N ALA A 203 -5.75 -21.21 10.29
CA ALA A 203 -4.63 -20.29 10.51
C ALA A 203 -5.09 -18.96 11.11
N PHE A 204 -6.36 -18.60 10.94
CA PHE A 204 -6.85 -17.35 11.54
C PHE A 204 -7.57 -17.62 12.85
N LYS A 205 -8.15 -18.81 12.98
CA LYS A 205 -8.91 -19.13 14.19
C LYS A 205 -7.99 -19.09 15.41
N LYS A 206 -6.73 -19.49 15.23
CA LYS A 206 -5.77 -19.45 16.32
C LYS A 206 -5.43 -18.00 16.68
N VAL A 207 -5.43 -17.14 15.67
CA VAL A 207 -5.10 -15.73 15.85
C VAL A 207 -6.30 -14.96 16.41
N ALA A 208 -7.50 -15.39 16.02
CA ALA A 208 -8.74 -14.73 16.43
C ALA A 208 -8.90 -14.75 17.96
N GLU A 209 -8.40 -15.81 18.58
CA GLU A 209 -8.47 -15.94 20.03
C GLU A 209 -7.80 -14.77 20.71
N GLY A 210 -6.62 -14.39 20.20
CA GLY A 210 -5.83 -13.34 20.79
C GLY A 210 -6.44 -11.96 20.59
N MET A 211 -7.36 -11.84 19.64
CA MET A 211 -7.99 -10.56 19.35
C MET A 211 -9.26 -10.35 20.18
N ASN A 212 -9.63 -11.35 20.98
CA ASN A 212 -10.86 -11.29 21.77
C ASN A 212 -10.63 -10.82 23.19
N PHE A 213 -11.52 -9.93 23.65
CA PHE A 213 -11.53 -9.35 25.00
C PHE A 213 -10.19 -9.34 25.71
N VAL B 1 2.92 -7.43 -26.42
CA VAL B 1 3.48 -6.12 -26.12
C VAL B 1 2.76 -5.50 -24.92
N LEU B 2 3.51 -4.77 -24.09
CA LEU B 2 2.93 -4.11 -22.93
C LEU B 2 2.07 -2.94 -23.37
N LYS B 3 0.80 -2.97 -22.97
CA LYS B 3 -0.12 -1.87 -23.24
C LYS B 3 -0.57 -1.21 -21.94
N LEU B 4 -0.21 0.05 -21.80
CA LEU B 4 -0.53 0.85 -20.63
C LEU B 4 -1.66 1.83 -20.94
N TYR B 5 -2.75 1.72 -20.18
CA TYR B 5 -3.91 2.58 -20.35
C TYR B 5 -3.89 3.72 -19.34
N GLY B 6 -3.79 4.95 -19.83
CA GLY B 6 -3.73 6.10 -18.94
C GLY B 6 -3.44 7.40 -19.65
N ALA B 7 -2.72 8.28 -18.98
CA ALA B 7 -2.44 9.61 -19.48
C ALA B 7 -1.08 10.07 -18.98
N PRO B 8 -0.23 10.63 -19.87
CA PRO B 8 1.09 11.11 -19.45
C PRO B 8 1.06 12.03 -18.23
N MET B 9 0.11 12.96 -18.19
CA MET B 9 0.11 14.00 -17.17
C MET B 9 -0.31 13.48 -15.78
N SER B 10 -0.84 12.26 -15.71
CA SER B 10 -1.35 11.73 -14.44
C SER B 10 -0.25 11.06 -13.59
N THR B 11 -0.31 11.29 -12.29
CA THR B 11 0.68 10.73 -11.37
C THR B 11 0.68 9.21 -11.38
N CYS B 12 -0.52 8.61 -11.38
CA CYS B 12 -0.64 7.16 -11.31
C CYS B 12 -0.05 6.49 -12.55
N THR B 13 -0.24 7.11 -13.72
CA THR B 13 0.33 6.59 -14.95
C THR B 13 1.83 6.84 -15.00
N SER B 14 2.23 8.03 -14.53
N SER B 14 2.26 8.02 -14.53
CA SER B 14 3.63 8.42 -14.50
CA SER B 14 3.67 8.37 -14.56
C SER B 14 4.47 7.45 -13.67
C SER B 14 4.49 7.44 -13.67
N ARG B 15 3.85 6.91 -12.62
CA ARG B 15 4.54 5.97 -11.74
C ARG B 15 4.93 4.72 -12.51
N VAL B 16 4.05 4.28 -13.41
CA VAL B 16 4.32 3.10 -14.23
C VAL B 16 5.32 3.41 -15.34
N LEU B 17 5.14 4.56 -16.00
CA LEU B 17 6.02 4.96 -17.10
C LEU B 17 7.49 4.98 -16.68
N THR B 18 7.77 5.54 -15.51
CA THR B 18 9.16 5.64 -15.05
C THR B 18 9.72 4.24 -14.82
N CYS B 19 8.91 3.36 -14.25
CA CYS B 19 9.32 1.97 -14.04
C CYS B 19 9.64 1.29 -15.37
N LEU B 20 8.79 1.50 -16.37
CA LEU B 20 8.99 0.92 -17.69
C LEU B 20 10.33 1.38 -18.28
N HIS B 21 10.66 2.65 -18.09
CA HIS B 21 11.91 3.19 -18.61
C HIS B 21 13.12 2.65 -17.85
N GLU B 22 13.00 2.53 -16.54
CA GLU B 22 14.06 1.96 -15.72
C GLU B 22 14.37 0.54 -16.17
N LYS B 23 13.34 -0.19 -16.58
CA LYS B 23 13.49 -1.57 -17.03
C LYS B 23 13.83 -1.67 -18.52
N ASN B 24 14.02 -0.52 -19.18
CA ASN B 24 14.35 -0.47 -20.60
C ASN B 24 13.36 -1.26 -21.47
N LEU B 25 12.08 -1.14 -21.16
CA LEU B 25 11.06 -1.90 -21.85
C LEU B 25 10.33 -1.06 -22.87
N ASP B 26 10.00 -1.66 -24.02
N ASP B 26 10.01 -1.66 -24.01
CA ASP B 26 9.13 -1.03 -24.99
CA ASP B 26 9.14 -1.02 -24.99
C ASP B 26 7.69 -1.25 -24.59
C ASP B 26 7.69 -1.24 -24.56
N PHE B 27 6.82 -0.32 -24.97
CA PHE B 27 5.42 -0.39 -24.57
C PHE B 27 4.58 0.53 -25.42
N GLU B 28 3.27 0.33 -25.34
CA GLU B 28 2.31 1.20 -25.99
C GLU B 28 1.49 1.93 -24.95
N LEU B 29 1.46 3.25 -25.04
CA LEU B 29 0.61 4.06 -24.18
C LEU B 29 -0.72 4.31 -24.88
N VAL B 30 -1.80 3.82 -24.29
CA VAL B 30 -3.14 3.98 -24.85
C VAL B 30 -3.85 5.07 -24.07
N PRO B 31 -4.11 6.23 -24.71
CA PRO B 31 -4.75 7.31 -23.96
C PRO B 31 -6.14 6.95 -23.43
N VAL B 32 -6.40 7.35 -22.19
CA VAL B 32 -7.73 7.31 -21.60
C VAL B 32 -8.14 8.72 -21.28
N ASP B 33 -9.28 9.15 -21.81
CA ASP B 33 -9.74 10.53 -21.66
C ASP B 33 -10.56 10.68 -20.37
N LEU B 34 -9.91 11.11 -19.30
CA LEU B 34 -10.57 11.38 -18.04
C LEU B 34 -11.56 12.54 -18.17
N PHE B 35 -11.12 13.57 -18.90
CA PHE B 35 -11.90 14.78 -19.10
C PHE B 35 -13.26 14.45 -19.72
N ALA B 36 -13.32 13.36 -20.49
CA ALA B 36 -14.54 12.92 -21.14
C ALA B 36 -15.23 11.80 -20.37
N GLY B 37 -14.60 11.35 -19.28
CA GLY B 37 -15.19 10.34 -18.42
C GLY B 37 -15.08 8.94 -18.99
N GLU B 38 -14.08 8.71 -19.83
CA GLU B 38 -13.89 7.42 -20.48
C GLU B 38 -13.64 6.32 -19.46
N HIS B 39 -12.94 6.68 -18.39
CA HIS B 39 -12.59 5.73 -17.35
C HIS B 39 -13.79 5.23 -16.56
N LYS B 40 -14.91 5.95 -16.67
CA LYS B 40 -16.15 5.60 -15.97
C LYS B 40 -17.14 4.82 -16.84
N GLN B 41 -16.76 4.54 -18.08
CA GLN B 41 -17.65 3.82 -19.00
C GLN B 41 -17.33 2.33 -18.98
N PRO B 42 -18.30 1.49 -19.39
CA PRO B 42 -18.18 0.02 -19.29
C PRO B 42 -16.92 -0.59 -19.92
N PRO B 43 -16.48 -0.11 -21.09
CA PRO B 43 -15.27 -0.68 -21.68
C PRO B 43 -14.05 -0.62 -20.76
N PHE B 44 -13.84 0.51 -20.09
CA PHE B 44 -12.70 0.63 -19.20
C PHE B 44 -12.99 -0.03 -17.86
N LEU B 45 -14.26 -0.03 -17.44
CA LEU B 45 -14.64 -0.70 -16.20
C LEU B 45 -14.36 -2.20 -16.30
N ALA B 46 -14.41 -2.73 -17.52
CA ALA B 46 -14.06 -4.12 -17.76
C ALA B 46 -12.59 -4.37 -17.47
N LYS B 47 -11.77 -3.31 -17.52
CA LYS B 47 -10.35 -3.42 -17.22
C LYS B 47 -10.10 -3.19 -15.74
N ASN B 48 -10.69 -2.12 -15.20
CA ASN B 48 -10.60 -1.81 -13.78
C ASN B 48 -11.98 -1.45 -13.25
N PRO B 49 -12.58 -2.35 -12.44
CA PRO B 49 -13.95 -2.10 -11.97
C PRO B 49 -14.06 -0.86 -11.08
N PHE B 50 -12.93 -0.36 -10.58
CA PHE B 50 -12.93 0.85 -9.76
C PHE B 50 -12.92 2.13 -10.60
N GLY B 51 -12.79 1.97 -11.92
CA GLY B 51 -12.88 3.10 -12.83
C GLY B 51 -11.85 4.19 -12.62
N GLN B 52 -10.60 3.80 -12.43
CA GLN B 52 -9.50 4.76 -12.38
C GLN B 52 -8.31 4.23 -13.17
N ILE B 53 -7.50 5.15 -13.69
CA ILE B 53 -6.29 4.79 -14.41
C ILE B 53 -5.11 4.68 -13.43
N PRO B 54 -4.07 3.91 -13.80
CA PRO B 54 -3.92 3.18 -15.06
C PRO B 54 -4.35 1.72 -15.00
N ALA B 55 -4.34 1.08 -16.16
CA ALA B 55 -4.50 -0.35 -16.28
C ALA B 55 -3.43 -0.85 -17.23
N LEU B 56 -3.07 -2.11 -17.13
CA LEU B 56 -2.06 -2.71 -17.99
C LEU B 56 -2.62 -3.99 -18.60
N GLU B 57 -2.40 -4.14 -19.90
CA GLU B 57 -2.69 -5.40 -20.57
C GLU B 57 -1.42 -5.97 -21.16
N GLU B 58 -1.18 -7.24 -20.89
CA GLU B 58 -0.10 -7.98 -21.52
C GLU B 58 -0.67 -9.32 -22.00
N ASP B 59 -0.88 -9.42 -23.30
CA ASP B 59 -1.58 -10.57 -23.88
C ASP B 59 -2.96 -10.69 -23.20
N ASP B 60 -3.25 -11.84 -22.59
CA ASP B 60 -4.56 -12.07 -21.99
C ASP B 60 -4.60 -11.66 -20.52
N LEU B 61 -3.50 -11.12 -20.02
CA LEU B 61 -3.42 -10.65 -18.63
C LEU B 61 -3.81 -9.17 -18.54
N THR B 62 -4.64 -8.83 -17.55
CA THR B 62 -5.03 -7.46 -17.29
C THR B 62 -4.80 -7.09 -15.83
N LEU B 63 -4.16 -5.96 -15.60
CA LEU B 63 -3.85 -5.48 -14.25
C LEU B 63 -4.27 -4.02 -14.05
N PHE B 64 -4.55 -3.67 -12.80
CA PHE B 64 -4.74 -2.28 -12.42
C PHE B 64 -4.09 -2.07 -11.06
N GLU B 65 -4.17 -0.84 -10.55
CA GLU B 65 -3.38 -0.32 -9.42
C GLU B 65 -1.93 -0.11 -9.85
N SER B 66 -1.51 1.15 -9.85
CA SER B 66 -0.21 1.54 -10.38
C SER B 66 0.94 0.72 -9.78
N ARG B 67 0.89 0.51 -8.47
CA ARG B 67 1.99 -0.14 -7.78
C ARG B 67 1.94 -1.66 -7.94
N ALA B 68 0.77 -2.18 -8.32
CA ALA B 68 0.67 -3.59 -8.70
C ALA B 68 1.29 -3.80 -10.08
N ILE B 69 1.12 -2.81 -10.94
CA ILE B 69 1.66 -2.86 -12.29
C ILE B 69 3.17 -2.72 -12.27
N THR B 70 3.69 -1.78 -11.49
CA THR B 70 5.13 -1.62 -11.38
C THR B 70 5.76 -2.88 -10.76
N SER B 71 5.10 -3.43 -9.74
CA SER B 71 5.62 -4.64 -9.10
C SER B 71 5.65 -5.81 -10.08
N TYR B 72 4.63 -5.91 -10.92
CA TYR B 72 4.55 -6.98 -11.90
C TYR B 72 5.68 -6.87 -12.91
N ILE B 73 5.91 -5.65 -13.39
CA ILE B 73 6.96 -5.39 -14.37
C ILE B 73 8.34 -5.63 -13.76
N ALA B 74 8.57 -5.07 -12.58
CA ALA B 74 9.84 -5.21 -11.89
C ALA B 74 10.19 -6.67 -11.59
N GLU B 75 9.16 -7.48 -11.34
CA GLU B 75 9.37 -8.90 -11.06
C GLU B 75 9.60 -9.71 -12.33
N LYS B 76 8.73 -9.53 -13.31
CA LYS B 76 8.81 -10.32 -14.54
C LYS B 76 10.14 -10.09 -15.26
N PHE B 77 10.58 -8.84 -15.25
CA PHE B 77 11.80 -8.44 -15.95
C PHE B 77 12.93 -8.13 -14.97
N LYS B 78 12.92 -8.82 -13.84
CA LYS B 78 13.85 -8.54 -12.75
C LYS B 78 15.31 -8.67 -13.18
N GLY B 79 15.59 -9.61 -14.07
CA GLY B 79 16.95 -9.94 -14.45
C GLY B 79 17.55 -9.01 -15.50
N THR B 80 16.74 -8.13 -16.05
CA THR B 80 17.16 -7.20 -17.10
C THR B 80 16.85 -5.77 -16.69
N GLY B 81 17.42 -4.80 -17.40
CA GLY B 81 17.24 -3.40 -17.06
C GLY B 81 17.79 -3.10 -15.66
N TYR B 82 17.28 -2.04 -15.03
CA TYR B 82 17.77 -1.68 -13.71
C TYR B 82 17.16 -2.59 -12.64
N ASP B 83 17.96 -2.86 -11.62
CA ASP B 83 17.59 -3.78 -10.54
C ASP B 83 16.74 -3.09 -9.49
N LEU B 84 15.45 -2.94 -9.77
CA LEU B 84 14.56 -2.16 -8.91
C LEU B 84 14.20 -2.85 -7.59
N ILE B 85 14.13 -4.18 -7.63
CA ILE B 85 13.68 -4.94 -6.47
C ILE B 85 14.79 -5.74 -5.77
N ARG B 86 16.01 -5.68 -6.32
CA ARG B 86 17.16 -6.37 -5.75
C ARG B 86 16.99 -7.88 -5.81
N HIS B 87 16.98 -8.42 -7.03
CA HIS B 87 16.62 -9.81 -7.25
C HIS B 87 17.74 -10.80 -6.87
N GLU B 88 18.87 -10.29 -6.41
CA GLU B 88 20.02 -11.13 -6.06
C GLU B 88 20.50 -10.94 -4.63
N ASN B 89 19.82 -10.06 -3.89
CA ASN B 89 20.11 -9.83 -2.47
C ASN B 89 18.80 -9.81 -1.68
N LEU B 90 18.52 -10.91 -0.99
CA LEU B 90 17.23 -11.10 -0.35
C LEU B 90 16.99 -10.12 0.80
N LYS B 91 18.05 -9.65 1.41
CA LYS B 91 17.94 -8.68 2.50
C LYS B 91 17.66 -7.28 1.96
N GLU B 92 18.37 -6.89 0.91
CA GLU B 92 18.08 -5.64 0.21
C GLU B 92 16.66 -5.70 -0.34
N ALA B 93 16.28 -6.84 -0.89
CA ALA B 93 14.92 -7.04 -1.40
C ALA B 93 13.88 -6.79 -0.31
N ALA B 94 14.13 -7.32 0.88
CA ALA B 94 13.23 -7.14 2.01
C ALA B 94 13.12 -5.67 2.40
N SER B 95 14.26 -4.98 2.39
CA SER B 95 14.27 -3.56 2.73
C SER B 95 13.44 -2.74 1.76
N VAL B 96 13.51 -3.09 0.47
CA VAL B 96 12.71 -2.41 -0.53
C VAL B 96 11.21 -2.60 -0.21
N LYS B 97 10.82 -3.80 0.18
CA LYS B 97 9.42 -4.07 0.52
C LYS B 97 8.94 -3.18 1.68
N VAL B 98 9.79 -3.02 2.68
CA VAL B 98 9.47 -2.16 3.82
C VAL B 98 9.11 -0.75 3.35
N TRP B 99 9.94 -0.19 2.48
CA TRP B 99 9.81 1.22 2.17
C TRP B 99 8.83 1.49 1.04
N THR B 100 8.50 0.48 0.24
CA THR B 100 7.36 0.61 -0.66
C THR B 100 6.06 0.62 0.16
N GLU B 101 6.02 -0.16 1.24
CA GLU B 101 4.85 -0.14 2.11
C GLU B 101 4.75 1.19 2.86
N VAL B 102 5.90 1.76 3.19
CA VAL B 102 5.91 3.07 3.83
C VAL B 102 5.31 4.09 2.87
N GLU B 103 5.71 4.05 1.59
CA GLU B 103 5.16 4.97 0.61
C GLU B 103 3.64 4.84 0.50
N SER B 104 3.14 3.61 0.50
CA SER B 104 1.71 3.36 0.34
C SER B 104 0.88 3.81 1.55
N HIS B 105 1.39 3.56 2.75
CA HIS B 105 0.56 3.70 3.96
C HIS B 105 0.86 4.94 4.78
N ARG B 106 1.95 5.63 4.45
CA ARG B 106 2.36 6.78 5.23
C ARG B 106 2.60 8.01 4.36
N TYR B 107 3.38 7.86 3.29
CA TYR B 107 3.73 8.99 2.44
C TYR B 107 2.56 9.42 1.57
N ASN B 108 2.03 8.48 0.79
CA ASN B 108 0.98 8.78 -0.18
C ASN B 108 -0.31 9.34 0.45
N PRO B 109 -0.74 8.78 1.60
CA PRO B 109 -1.98 9.34 2.17
C PRO B 109 -1.83 10.79 2.62
N ALA B 110 -0.61 11.24 2.86
CA ALA B 110 -0.35 12.61 3.30
C ALA B 110 -0.14 13.56 2.13
N ILE B 111 0.57 13.11 1.09
CA ILE B 111 0.93 13.99 -0.02
C ILE B 111 -0.19 14.12 -1.05
N ALA B 112 -1.00 13.07 -1.19
CA ALA B 112 -2.00 13.05 -2.23
C ALA B 112 -3.04 14.16 -2.08
N PRO B 113 -3.61 14.36 -0.88
CA PRO B 113 -4.60 15.43 -0.73
C PRO B 113 -4.01 16.82 -0.98
N ILE B 114 -2.71 16.98 -0.75
CA ILE B 114 -2.06 18.25 -1.02
C ILE B 114 -2.08 18.53 -2.52
N VAL B 115 -1.62 17.55 -3.30
CA VAL B 115 -1.58 17.71 -4.74
C VAL B 115 -3.00 17.82 -5.31
N PHE B 116 -3.94 17.09 -4.72
CA PHE B 116 -5.33 17.12 -5.20
C PHE B 116 -5.90 18.52 -5.08
N GLN B 117 -5.68 19.17 -3.94
CA GLN B 117 -6.21 20.51 -3.72
C GLN B 117 -5.60 21.52 -4.68
N PHE B 118 -4.30 21.40 -4.93
CA PHE B 118 -3.61 22.35 -5.79
C PHE B 118 -3.91 22.18 -7.27
N MET B 119 -4.05 20.92 -7.71
N MET B 119 -4.11 20.94 -7.72
CA MET B 119 -4.13 20.59 -9.13
CA MET B 119 -4.15 20.65 -9.15
C MET B 119 -5.52 20.22 -9.61
C MET B 119 -5.46 20.08 -9.66
N VAL B 120 -6.26 19.48 -8.77
CA VAL B 120 -7.55 18.94 -9.19
C VAL B 120 -8.73 19.83 -8.79
N ALA B 121 -8.66 20.45 -7.61
CA ALA B 121 -9.77 21.29 -7.13
C ALA B 121 -10.19 22.35 -8.15
N PRO B 122 -9.23 23.03 -8.81
CA PRO B 122 -9.64 24.00 -9.84
C PRO B 122 -10.42 23.37 -11.01
N LEU B 123 -10.19 22.10 -11.28
CA LEU B 123 -10.93 21.39 -12.31
C LEU B 123 -12.32 21.02 -11.81
N ARG B 124 -12.50 21.08 -10.49
CA ARG B 124 -13.80 20.87 -9.87
C ARG B 124 -14.55 22.19 -9.76
N GLY B 125 -13.87 23.28 -10.12
CA GLY B 125 -14.45 24.60 -10.08
C GLY B 125 -14.23 25.30 -8.75
N ASN B 126 -13.40 24.71 -7.89
CA ASN B 126 -13.13 25.28 -6.57
C ASN B 126 -11.72 25.82 -6.43
N SER B 127 -11.52 26.69 -5.46
N SER B 127 -11.51 26.70 -5.45
CA SER B 127 -10.18 27.12 -5.08
CA SER B 127 -10.17 27.12 -5.09
C SER B 127 -9.56 26.05 -4.18
C SER B 127 -9.56 26.07 -4.16
N PRO B 128 -8.22 25.99 -4.14
CA PRO B 128 -7.56 25.03 -3.23
C PRO B 128 -7.95 25.25 -1.78
N ASP B 129 -8.32 24.18 -1.09
CA ASP B 129 -8.70 24.26 0.33
C ASP B 129 -7.44 24.33 1.18
N GLN B 130 -7.16 25.51 1.73
CA GLN B 130 -5.93 25.74 2.48
C GLN B 130 -5.90 24.96 3.80
N THR B 131 -7.07 24.66 4.35
CA THR B 131 -7.15 23.87 5.58
C THR B 131 -6.68 22.44 5.35
N ILE B 132 -7.15 21.83 4.27
CA ILE B 132 -6.74 20.47 3.91
C ILE B 132 -5.26 20.45 3.56
N ILE B 133 -4.82 21.49 2.83
CA ILE B 133 -3.40 21.60 2.48
C ILE B 133 -2.55 21.66 3.75
N ASP B 134 -2.88 22.58 4.65
CA ASP B 134 -2.08 22.80 5.84
C ASP B 134 -2.04 21.57 6.75
N ASP B 135 -3.18 20.91 6.93
N ASP B 135 -3.18 20.93 6.93
CA ASP B 135 -3.25 19.74 7.80
CA ASP B 135 -3.27 19.74 7.77
C ASP B 135 -2.40 18.60 7.26
C ASP B 135 -2.37 18.63 7.25
N ASN B 136 -2.46 18.37 5.96
CA ASN B 136 -1.68 17.29 5.35
C ASN B 136 -0.21 17.65 5.14
N VAL B 137 0.09 18.95 5.06
CA VAL B 137 1.48 19.39 5.02
C VAL B 137 2.13 19.10 6.36
N GLU B 138 1.37 19.26 7.44
CA GLU B 138 1.85 18.94 8.78
C GLU B 138 2.14 17.44 8.86
N LYS B 139 1.18 16.64 8.41
CA LYS B 139 1.32 15.19 8.38
C LYS B 139 2.51 14.74 7.54
N LEU B 140 2.65 15.31 6.35
CA LEU B 140 3.73 14.93 5.44
C LEU B 140 5.07 15.31 6.05
N GLY B 141 5.11 16.44 6.74
CA GLY B 141 6.29 16.87 7.45
C GLY B 141 6.80 15.84 8.44
N LYS B 142 5.89 15.26 9.21
CA LYS B 142 6.25 14.24 10.19
C LYS B 142 6.86 13.00 9.50
N VAL B 143 6.30 12.63 8.36
CA VAL B 143 6.83 11.51 7.60
C VAL B 143 8.24 11.84 7.10
N LEU B 144 8.41 13.04 6.55
CA LEU B 144 9.70 13.44 6.01
C LEU B 144 10.77 13.65 7.08
N ASP B 145 10.34 13.89 8.33
CA ASP B 145 11.30 13.99 9.43
C ASP B 145 11.99 12.64 9.61
N ILE B 146 11.25 11.56 9.39
N ILE B 146 11.27 11.56 9.35
CA ILE B 146 11.78 10.22 9.47
CA ILE B 146 11.83 10.21 9.48
C ILE B 146 12.71 9.97 8.28
C ILE B 146 12.67 9.86 8.25
N TYR B 147 12.25 10.35 7.09
CA TYR B 147 13.04 10.20 5.87
C TYR B 147 14.38 10.91 6.01
N GLU B 148 14.34 12.11 6.59
CA GLU B 148 15.52 12.95 6.77
C GLU B 148 16.60 12.20 7.54
N ALA B 149 16.18 11.55 8.62
CA ALA B 149 17.10 10.75 9.42
C ALA B 149 17.61 9.52 8.65
N LYS B 150 16.71 8.82 7.97
CA LYS B 150 17.10 7.62 7.24
C LYS B 150 18.08 7.95 6.13
N LEU B 151 17.85 9.07 5.45
CA LEU B 151 18.66 9.48 4.32
C LEU B 151 19.96 10.14 4.74
N SER B 152 20.15 10.28 6.06
CA SER B 152 21.44 10.68 6.60
C SER B 152 22.35 9.46 6.76
N SER B 153 21.73 8.29 6.78
CA SER B 153 22.42 7.04 7.05
C SER B 153 22.68 6.23 5.77
N THR B 154 21.72 6.27 4.84
CA THR B 154 21.89 5.64 3.54
C THR B 154 21.50 6.63 2.45
N LYS B 155 21.99 6.40 1.23
CA LYS B 155 21.80 7.35 0.14
C LYS B 155 20.36 7.38 -0.34
N TYR B 156 19.70 6.22 -0.28
CA TYR B 156 18.31 6.07 -0.68
C TYR B 156 17.51 5.46 0.47
N LEU B 157 16.22 5.27 0.29
CA LEU B 157 15.36 4.87 1.39
C LEU B 157 15.65 3.46 1.90
N ALA B 158 15.84 2.51 0.97
CA ALA B 158 16.00 1.10 1.34
C ALA B 158 17.46 0.71 1.55
N GLY B 159 18.37 1.60 1.19
CA GLY B 159 19.78 1.34 1.32
C GLY B 159 20.57 2.32 0.46
N ASP B 160 21.80 1.96 0.12
CA ASP B 160 22.65 2.84 -0.67
C ASP B 160 22.42 2.69 -2.16
N PHE B 161 21.33 2.00 -2.51
CA PHE B 161 20.95 1.74 -3.88
C PHE B 161 19.57 2.33 -4.17
N TYR B 162 19.37 2.79 -5.40
CA TYR B 162 18.05 3.22 -5.85
C TYR B 162 17.15 2.00 -6.00
N SER B 163 15.89 2.13 -5.64
CA SER B 163 14.98 0.99 -5.73
C SER B 163 13.56 1.42 -6.03
N LEU B 164 12.68 0.43 -6.15
CA LEU B 164 11.26 0.66 -6.39
C LEU B 164 10.67 1.56 -5.30
N ALA B 165 11.22 1.48 -4.09
CA ALA B 165 10.72 2.27 -2.98
C ALA B 165 10.86 3.76 -3.28
N ASP B 166 12.03 4.15 -3.78
CA ASP B 166 12.27 5.54 -4.16
C ASP B 166 11.38 5.94 -5.33
N LEU B 167 11.34 5.08 -6.35
CA LEU B 167 10.62 5.34 -7.59
C LEU B 167 9.16 5.73 -7.34
N HIS B 168 8.49 5.00 -6.46
CA HIS B 168 7.07 5.22 -6.23
C HIS B 168 6.77 6.63 -5.71
N HIS B 169 7.78 7.30 -5.16
CA HIS B 169 7.62 8.65 -4.63
C HIS B 169 7.66 9.73 -5.70
N LEU B 170 8.12 9.39 -6.90
CA LEU B 170 8.44 10.42 -7.90
C LEU B 170 7.26 11.27 -8.36
N PRO B 171 6.13 10.65 -8.75
CA PRO B 171 5.10 11.47 -9.39
C PRO B 171 4.41 12.52 -8.49
N TYR B 172 3.91 12.14 -7.32
CA TYR B 172 3.22 13.12 -6.47
C TYR B 172 4.20 14.18 -5.98
N THR B 173 5.42 13.74 -5.66
CA THR B 173 6.42 14.66 -5.18
C THR B 173 6.76 15.67 -6.27
N TYR B 174 6.79 15.23 -7.53
CA TYR B 174 7.08 16.13 -8.64
C TYR B 174 6.07 17.29 -8.70
N TYR B 175 4.78 16.98 -8.52
CA TYR B 175 3.77 18.03 -8.54
C TYR B 175 3.82 18.87 -7.25
N LEU B 176 4.11 18.22 -6.13
CA LEU B 176 4.28 18.95 -4.87
C LEU B 176 5.32 20.06 -5.01
N MET B 177 6.42 19.78 -5.71
CA MET B 177 7.52 20.74 -5.84
C MET B 177 7.16 21.95 -6.69
N LYS B 178 5.98 21.93 -7.31
CA LYS B 178 5.50 23.07 -8.09
C LYS B 178 4.56 23.95 -7.28
N THR B 179 4.37 23.59 -6.01
CA THR B 179 3.47 24.32 -5.14
C THR B 179 4.23 24.92 -3.97
N PRO B 180 3.59 25.80 -3.20
CA PRO B 180 4.22 26.37 -2.01
C PRO B 180 4.60 25.29 -0.99
N ALA B 181 4.01 24.10 -1.10
CA ALA B 181 4.31 23.02 -0.18
C ALA B 181 5.64 22.34 -0.50
N ALA B 182 6.31 22.78 -1.56
CA ALA B 182 7.65 22.29 -1.89
C ALA B 182 8.60 22.47 -0.71
N SER B 183 8.26 23.41 0.18
CA SER B 183 9.07 23.71 1.35
C SER B 183 9.36 22.52 2.24
N VAL B 184 8.45 21.55 2.32
CA VAL B 184 8.65 20.43 3.24
C VAL B 184 9.78 19.54 2.73
N VAL B 185 10.02 19.56 1.43
CA VAL B 185 11.15 18.86 0.86
C VAL B 185 12.42 19.71 0.99
N ASN B 186 12.32 20.97 0.57
CA ASN B 186 13.48 21.85 0.51
C ASN B 186 14.09 22.21 1.87
N GLU B 187 13.29 22.13 2.94
CA GLU B 187 13.76 22.52 4.26
C GLU B 187 14.48 21.37 4.97
N ARG B 188 14.42 20.18 4.38
CA ARG B 188 15.10 19.00 4.91
C ARG B 188 16.24 18.62 3.98
N PRO B 189 17.50 18.97 4.35
CA PRO B 189 18.62 18.91 3.39
C PRO B 189 18.87 17.55 2.77
N HIS B 190 18.79 16.47 3.55
CA HIS B 190 18.98 15.14 2.99
C HIS B 190 17.80 14.73 2.11
N VAL B 191 16.58 15.05 2.54
CA VAL B 191 15.40 14.81 1.71
C VAL B 191 15.55 15.59 0.40
N LYS B 192 15.98 16.84 0.48
CA LYS B 192 16.14 17.69 -0.70
C LYS B 192 17.13 17.11 -1.70
N ALA B 193 18.32 16.72 -1.23
CA ALA B 193 19.33 16.14 -2.11
C ALA B 193 18.88 14.81 -2.70
N TRP B 194 18.20 14.00 -1.89
CA TRP B 194 17.64 12.74 -2.36
C TRP B 194 16.63 12.98 -3.49
N TRP B 195 15.78 13.98 -3.31
CA TRP B 195 14.81 14.32 -4.34
C TRP B 195 15.50 14.78 -5.63
N GLU B 196 16.45 15.70 -5.49
CA GLU B 196 17.17 16.21 -6.64
C GLU B 196 17.93 15.09 -7.35
N ASP B 197 18.31 14.08 -6.59
CA ASP B 197 18.97 12.91 -7.14
C ASP B 197 17.98 12.09 -7.98
N ILE B 198 16.97 11.52 -7.34
CA ILE B 198 16.11 10.57 -8.03
C ILE B 198 15.30 11.22 -9.15
N SER B 199 14.98 12.51 -9.01
CA SER B 199 14.18 13.20 -10.01
C SER B 199 15.01 13.58 -11.24
N SER B 200 16.33 13.43 -11.14
N SER B 200 16.33 13.43 -11.14
CA SER B 200 17.23 13.75 -12.25
CA SER B 200 17.24 13.74 -12.24
C SER B 200 17.64 12.49 -13.03
C SER B 200 17.64 12.49 -13.02
N ARG B 201 17.12 11.34 -12.60
CA ARG B 201 17.40 10.09 -13.29
C ARG B 201 16.82 10.13 -14.70
N PRO B 202 17.57 9.67 -15.71
CA PRO B 202 17.07 9.72 -17.10
C PRO B 202 15.71 9.06 -17.29
N ALA B 203 15.43 8.00 -16.54
CA ALA B 203 14.17 7.29 -16.67
C ALA B 203 12.98 8.13 -16.21
N PHE B 204 13.22 9.15 -15.39
CA PHE B 204 12.14 10.02 -14.95
C PHE B 204 12.08 11.33 -15.72
N LYS B 205 13.23 11.84 -16.14
CA LYS B 205 13.25 13.11 -16.88
C LYS B 205 12.43 12.97 -18.15
N LYS B 206 12.44 11.78 -18.74
CA LYS B 206 11.62 11.49 -19.92
C LYS B 206 10.15 11.60 -19.56
N VAL B 207 9.80 11.17 -18.35
CA VAL B 207 8.42 11.18 -17.87
C VAL B 207 7.97 12.55 -17.39
N ALA B 208 8.88 13.29 -16.77
CA ALA B 208 8.56 14.61 -16.20
C ALA B 208 8.07 15.58 -17.27
N GLU B 209 8.56 15.43 -18.49
CA GLU B 209 8.15 16.29 -19.60
C GLU B 209 6.65 16.19 -19.86
N GLY B 210 6.11 14.97 -19.76
CA GLY B 210 4.71 14.74 -20.01
C GLY B 210 3.83 15.23 -18.86
N MET B 211 4.45 15.53 -17.73
CA MET B 211 3.74 16.01 -16.54
C MET B 211 3.71 17.54 -16.51
N ASN B 212 4.35 18.17 -17.48
CA ASN B 212 4.38 19.63 -17.58
C ASN B 212 3.43 20.16 -18.66
N PHE B 213 2.91 21.36 -18.44
CA PHE B 213 2.15 22.06 -19.47
C PHE B 213 3.08 22.84 -20.40
N1 GSH C . 1.07 0.62 8.27
CA1 GSH C . 1.41 0.04 9.53
C1 GSH C . 1.46 -1.47 9.39
O11 GSH C . 0.65 -2.05 8.63
O12 GSH C . 2.30 -2.13 10.04
CB1 GSH C . 0.39 0.43 10.58
CG1 GSH C . 0.91 0.04 11.95
CD1 GSH C . -0.09 0.35 13.06
OE1 GSH C . -1.10 0.98 12.82
N2 GSH C . 0.18 -0.14 14.38
CA2 GSH C . -0.71 0.10 15.46
C2 GSH C . 0.06 0.75 16.61
O2 GSH C . 1.24 0.51 16.76
CB2 GSH C . -1.26 -1.21 15.98
SG2 GSH C . -2.44 -1.90 14.84
N3 GSH C . -0.61 1.63 17.53
CA3 GSH C . 0.12 2.24 18.63
C3 GSH C . 0.27 3.74 18.43
O31 GSH C . 0.46 4.49 19.43
O32 GSH C . 0.19 4.25 17.28
S SO4 D . -6.29 -1.85 16.52
O1 SO4 D . -7.38 -1.88 17.48
O2 SO4 D . -6.82 -1.87 15.16
O3 SO4 D . -5.49 -0.63 16.71
O4 SO4 D . -5.43 -3.02 16.72
N1 GSH E . -4.64 3.45 -6.07
CA1 GSH E . -4.75 3.78 -7.45
C1 GSH E . -3.45 3.48 -8.17
O11 GSH E . -3.46 3.07 -9.36
O12 GSH E . -2.34 3.65 -7.60
CB1 GSH E . -5.12 5.24 -7.60
CG1 GSH E . -5.59 5.47 -9.03
CD1 GSH E . -5.89 6.94 -9.26
OE1 GSH E . -5.93 7.73 -8.34
N2 GSH E . -6.13 7.38 -10.61
CA2 GSH E . -6.41 8.74 -10.91
C2 GSH E . -7.73 8.81 -11.67
O2 GSH E . -8.07 7.89 -12.39
CB2 GSH E . -5.32 9.25 -11.82
SG2 GSH E . -3.89 9.73 -10.88
N3 GSH E . -8.59 9.97 -11.54
CA3 GSH E . -9.82 10.02 -12.28
C3 GSH E . -11.04 10.07 -11.35
O31 GSH E . -12.17 10.42 -11.81
O32 GSH E . -10.92 9.76 -10.13
#